data_3A9U
#
_entry.id   3A9U
#
_cell.length_a   51.738
_cell.length_b   78.739
_cell.length_c   118.787
_cell.angle_alpha   90.000
_cell.angle_beta   90.000
_cell.angle_gamma   90.000
#
_symmetry.space_group_name_H-M   'P 21 21 21'
#
loop_
_entity.id
_entity.type
_entity.pdbx_description
1 polymer '4-coumarate--CoA ligase'
2 water water
#
_entity_poly.entity_id   1
_entity_poly.type   'polypeptide(L)'
_entity_poly.pdbx_seq_one_letter_code
;MNPQEEFIFRSKLPDIYIPKNLPLHSYVLENLSNHSSKPCLINGANGDVYTYADVELTARRVASGLNKIGIQQGDVIMLF
LPSSPEFVLAFLGASHRGAIITAANPFSTPAELAKHAKASRAKLLITQACYYEKVKDFARESDVKVMCVDSAPDGCLHFS
ELTQADENEAPQVDISPDDVVALPYSSGTTGLPKGVMLTHKGLITSVAQQVDGDNPNLYFHSEDVILCVLPMFHIYALNS
IMLCGLRVGAPILIMPKFEIGSLLGLIEKYKVSIAPVVPPVMMSIAKSPDLDKHDLSSLRMIKSGGAPLGKELEDTVRAK
FPQARLGQGYGMTEAGPVLAMCLAFAKEPFDIKPGACGTVVRNAEMKIVDPETGASLPRNQPGEICIRGDQIMKGYLNDP
EATSRTIDKEGWLHTGDIGYIDDDDELFIVDRLKELIKYKGFQVAPAELEALLIAHPEISDAAVVGLKDEDAGEVPVAFV
VKSEKSQATEDEIKQYISKQVIFYKRIKRVFFIEAIPKAPSGKILRKNLKEKLAGI
;
_entity_poly.pdbx_strand_id   A
#
# COMPACT_ATOMS: atom_id res chain seq x y z
N GLU A 6 -6.82 16.59 -22.96
CA GLU A 6 -6.16 16.90 -21.66
C GLU A 6 -4.68 16.55 -21.75
N PHE A 7 -3.88 17.03 -20.80
CA PHE A 7 -2.44 16.77 -20.76
C PHE A 7 -2.12 15.47 -20.02
N ILE A 8 -1.97 14.37 -20.75
CA ILE A 8 -1.68 13.08 -20.11
C ILE A 8 -0.19 12.76 -20.16
N PHE A 9 0.38 12.40 -19.01
CA PHE A 9 1.79 12.04 -18.92
C PHE A 9 1.93 10.53 -18.65
N ARG A 10 3.03 9.96 -19.11
CA ARG A 10 3.26 8.53 -18.92
C ARG A 10 4.72 8.21 -18.62
N SER A 11 5.00 6.91 -18.55
CA SER A 11 6.34 6.42 -18.27
C SER A 11 7.28 6.74 -19.43
N LYS A 12 8.57 6.91 -19.13
CA LYS A 12 9.56 7.20 -20.15
C LYS A 12 9.88 5.89 -20.86
N LEU A 13 9.33 4.81 -20.31
CA LEU A 13 9.51 3.48 -20.87
C LEU A 13 8.26 3.17 -21.67
N PRO A 14 8.34 2.21 -22.59
CA PRO A 14 7.17 1.83 -23.38
C PRO A 14 6.30 0.87 -22.58
N ASP A 15 5.04 0.70 -22.97
CA ASP A 15 4.18 -0.24 -22.27
C ASP A 15 4.72 -1.66 -22.47
N ILE A 16 4.20 -2.61 -21.71
CA ILE A 16 4.63 -3.99 -21.81
C ILE A 16 3.41 -4.89 -21.74
N TYR A 17 3.61 -6.16 -22.08
CA TYR A 17 2.53 -7.14 -22.01
C TYR A 17 2.30 -7.47 -20.54
N ILE A 18 1.04 -7.55 -20.14
CA ILE A 18 0.71 -7.89 -18.77
C ILE A 18 -0.50 -8.80 -18.83
N PRO A 19 -0.32 -10.08 -18.45
CA PRO A 19 -1.45 -11.02 -18.48
C PRO A 19 -2.65 -10.47 -17.71
N LYS A 20 -3.83 -10.73 -18.26
CA LYS A 20 -5.07 -10.27 -17.64
C LYS A 20 -5.97 -11.46 -17.31
N ASN A 21 -5.46 -12.67 -17.51
CA ASN A 21 -6.22 -13.88 -17.27
C ASN A 21 -5.58 -14.87 -16.31
N LEU A 22 -4.91 -14.37 -15.27
CA LEU A 22 -4.24 -15.23 -14.29
C LEU A 22 -4.43 -14.83 -12.84
N PRO A 23 -4.33 -15.80 -11.92
CA PRO A 23 -4.47 -15.51 -10.49
C PRO A 23 -3.09 -14.97 -10.11
N LEU A 24 -3.00 -14.17 -9.06
CA LEU A 24 -1.70 -13.62 -8.66
C LEU A 24 -0.63 -14.69 -8.50
N HIS A 25 -0.92 -15.73 -7.71
CA HIS A 25 0.06 -16.79 -7.48
C HIS A 25 0.58 -17.41 -8.76
N SER A 26 -0.31 -17.68 -9.72
CA SER A 26 0.11 -18.29 -10.98
C SER A 26 1.05 -17.39 -11.79
N TYR A 27 0.82 -16.08 -11.74
CA TYR A 27 1.67 -15.13 -12.45
C TYR A 27 3.04 -15.04 -11.79
N VAL A 28 3.03 -14.85 -10.48
CA VAL A 28 4.25 -14.72 -9.71
C VAL A 28 5.16 -15.96 -9.75
N LEU A 29 4.57 -17.14 -9.85
CA LEU A 29 5.36 -18.38 -9.90
C LEU A 29 5.39 -18.96 -11.32
N GLU A 30 4.96 -18.15 -12.30
CA GLU A 30 4.92 -18.57 -13.69
C GLU A 30 6.20 -19.22 -14.20
N ASN A 31 7.34 -18.65 -13.87
CA ASN A 31 8.61 -19.19 -14.34
C ASN A 31 9.30 -20.02 -13.29
N LEU A 32 8.51 -20.57 -12.37
CA LEU A 32 9.03 -21.38 -11.29
C LEU A 32 10.07 -22.36 -11.86
N SER A 33 9.67 -23.06 -12.91
CA SER A 33 10.50 -24.06 -13.57
C SER A 33 11.93 -23.61 -13.92
N ASN A 34 12.13 -22.32 -14.13
CA ASN A 34 13.45 -21.79 -14.46
C ASN A 34 14.39 -21.69 -13.25
N HIS A 35 13.87 -21.93 -12.06
CA HIS A 35 14.70 -21.86 -10.86
C HIS A 35 14.07 -22.69 -9.75
N SER A 36 13.41 -23.76 -10.17
CA SER A 36 12.74 -24.69 -9.27
C SER A 36 13.57 -24.98 -8.02
N SER A 37 14.81 -25.43 -8.21
CA SER A 37 15.68 -25.80 -7.11
C SER A 37 16.50 -24.70 -6.43
N LYS A 38 16.43 -23.48 -6.93
CA LYS A 38 17.20 -22.41 -6.30
C LYS A 38 16.56 -21.90 -5.02
N PRO A 39 17.33 -21.19 -4.18
CA PRO A 39 16.79 -20.68 -2.93
C PRO A 39 15.73 -19.61 -3.19
N CYS A 40 14.63 -19.70 -2.44
CA CYS A 40 13.53 -18.75 -2.57
C CYS A 40 13.40 -17.88 -1.32
N LEU A 41 13.28 -18.53 -0.17
CA LEU A 41 13.13 -17.86 1.10
C LEU A 41 14.31 -18.22 2.01
N ILE A 42 15.01 -17.22 2.50
CA ILE A 42 16.14 -17.46 3.39
C ILE A 42 15.80 -16.83 4.74
N ASN A 43 15.72 -17.65 5.77
CA ASN A 43 15.40 -17.11 7.09
C ASN A 43 16.70 -16.65 7.72
N GLY A 44 16.87 -15.33 7.81
CA GLY A 44 18.09 -14.77 8.37
C GLY A 44 18.27 -15.05 9.85
N ALA A 45 17.17 -15.31 10.55
CA ALA A 45 17.23 -15.58 11.98
C ALA A 45 17.88 -16.93 12.31
N ASN A 46 17.53 -17.97 11.55
CA ASN A 46 18.08 -19.30 11.83
C ASN A 46 18.77 -19.99 10.66
N GLY A 47 18.91 -19.30 9.54
CA GLY A 47 19.59 -19.88 8.39
C GLY A 47 18.81 -20.85 7.52
N ASP A 48 17.56 -21.15 7.88
CA ASP A 48 16.75 -22.07 7.08
C ASP A 48 16.60 -21.56 5.65
N VAL A 49 16.62 -22.49 4.71
CA VAL A 49 16.47 -22.14 3.30
C VAL A 49 15.32 -22.93 2.67
N TYR A 50 14.42 -22.22 2.00
CA TYR A 50 13.29 -22.85 1.31
C TYR A 50 13.53 -22.69 -0.18
N THR A 51 13.45 -23.78 -0.93
CA THR A 51 13.65 -23.68 -2.37
C THR A 51 12.31 -23.27 -2.99
N TYR A 52 12.35 -22.76 -4.22
CA TYR A 52 11.14 -22.35 -4.91
C TYR A 52 10.15 -23.49 -5.00
N ALA A 53 10.66 -24.69 -5.26
CA ALA A 53 9.80 -25.85 -5.36
C ALA A 53 9.16 -26.10 -3.99
N ASP A 54 9.91 -25.89 -2.92
CA ASP A 54 9.37 -26.10 -1.56
C ASP A 54 8.22 -25.13 -1.30
N VAL A 55 8.40 -23.90 -1.73
CA VAL A 55 7.39 -22.87 -1.52
C VAL A 55 6.13 -23.11 -2.36
N GLU A 56 6.32 -23.51 -3.61
CA GLU A 56 5.15 -23.74 -4.46
C GLU A 56 4.34 -24.93 -3.93
N LEU A 57 5.01 -25.98 -3.49
CA LEU A 57 4.31 -27.15 -2.98
C LEU A 57 3.59 -26.81 -1.68
N THR A 58 4.31 -26.17 -0.76
CA THR A 58 3.74 -25.81 0.52
C THR A 58 2.55 -24.88 0.37
N ALA A 59 2.59 -24.03 -0.64
CA ALA A 59 1.48 -23.11 -0.87
C ALA A 59 0.20 -23.88 -1.19
N ARG A 60 0.27 -24.85 -2.09
CA ARG A 60 -0.91 -25.63 -2.43
C ARG A 60 -1.40 -26.40 -1.22
N ARG A 61 -0.47 -26.93 -0.42
CA ARG A 61 -0.83 -27.67 0.78
C ARG A 61 -1.60 -26.75 1.74
N VAL A 62 -1.12 -25.51 1.87
CA VAL A 62 -1.75 -24.56 2.76
C VAL A 62 -3.15 -24.25 2.26
N ALA A 63 -3.34 -24.21 0.95
CA ALA A 63 -4.67 -23.94 0.40
C ALA A 63 -5.60 -25.06 0.85
N SER A 64 -5.08 -26.30 0.84
CA SER A 64 -5.87 -27.46 1.26
C SER A 64 -6.18 -27.41 2.74
N GLY A 65 -5.17 -27.11 3.55
CA GLY A 65 -5.39 -27.02 4.98
C GLY A 65 -6.39 -25.93 5.33
N LEU A 66 -6.34 -24.82 4.60
CA LEU A 66 -7.26 -23.72 4.82
C LEU A 66 -8.68 -24.24 4.66
N ASN A 67 -8.89 -25.01 3.61
CA ASN A 67 -10.21 -25.58 3.34
C ASN A 67 -10.55 -26.59 4.44
N LYS A 68 -9.58 -27.39 4.85
CA LYS A 68 -9.82 -28.38 5.90
C LYS A 68 -10.37 -27.74 7.17
N ILE A 69 -9.81 -26.60 7.57
CA ILE A 69 -10.29 -25.95 8.78
C ILE A 69 -11.47 -25.00 8.56
N GLY A 70 -12.07 -25.06 7.36
CA GLY A 70 -13.22 -24.23 7.09
C GLY A 70 -13.06 -22.87 6.43
N ILE A 71 -11.84 -22.46 6.12
CA ILE A 71 -11.67 -21.18 5.47
C ILE A 71 -11.97 -21.41 4.00
N GLN A 72 -12.78 -20.53 3.41
CA GLN A 72 -13.15 -20.70 2.02
C GLN A 72 -12.85 -19.49 1.16
N GLN A 73 -13.16 -19.62 -0.13
CA GLN A 73 -12.95 -18.55 -1.09
C GLN A 73 -13.70 -17.32 -0.63
N GLY A 74 -13.05 -16.17 -0.68
CA GLY A 74 -13.70 -14.94 -0.25
C GLY A 74 -13.45 -14.65 1.22
N ASP A 75 -13.10 -15.68 2.00
CA ASP A 75 -12.84 -15.47 3.43
C ASP A 75 -11.53 -14.69 3.67
N VAL A 76 -11.55 -13.81 4.67
CA VAL A 76 -10.38 -13.02 4.99
C VAL A 76 -9.51 -13.72 6.03
N ILE A 77 -8.20 -13.64 5.84
CA ILE A 77 -7.21 -14.23 6.75
C ILE A 77 -6.30 -13.11 7.20
N MET A 78 -6.31 -12.82 8.50
CA MET A 78 -5.49 -11.76 9.05
C MET A 78 -4.12 -12.25 9.51
N LEU A 79 -3.08 -11.69 8.90
CA LEU A 79 -1.72 -12.05 9.29
C LEU A 79 -1.23 -11.06 10.33
N PHE A 80 -0.67 -11.62 11.39
CA PHE A 80 -0.17 -10.82 12.50
C PHE A 80 1.20 -11.42 12.79
N LEU A 81 2.13 -11.18 11.87
CA LEU A 81 3.48 -11.74 12.00
C LEU A 81 4.56 -10.79 11.52
N PRO A 82 5.76 -10.94 12.06
CA PRO A 82 6.87 -10.08 11.64
C PRO A 82 7.23 -10.65 10.27
N SER A 83 8.12 -9.99 9.54
CA SER A 83 8.47 -10.53 8.23
C SER A 83 9.06 -11.91 8.44
N SER A 84 8.59 -12.88 7.67
CA SER A 84 9.08 -14.24 7.84
C SER A 84 8.60 -15.18 6.75
N PRO A 85 9.20 -16.39 6.69
CA PRO A 85 8.83 -17.39 5.68
C PRO A 85 7.35 -17.76 5.77
N GLU A 86 6.87 -17.97 7.01
CA GLU A 86 5.48 -18.35 7.25
C GLU A 86 4.52 -17.32 6.66
N PHE A 87 4.91 -16.05 6.73
CA PHE A 87 4.09 -14.97 6.19
C PHE A 87 3.91 -15.18 4.68
N VAL A 88 5.01 -15.53 4.01
CA VAL A 88 5.00 -15.73 2.56
C VAL A 88 4.22 -16.98 2.17
N LEU A 89 4.36 -18.04 2.97
CA LEU A 89 3.67 -19.30 2.70
C LEU A 89 2.17 -19.15 2.96
N ALA A 90 1.82 -18.40 4.00
CA ALA A 90 0.41 -18.18 4.32
C ALA A 90 -0.21 -17.35 3.20
N PHE A 91 0.54 -16.35 2.71
CA PHE A 91 0.03 -15.51 1.64
C PHE A 91 -0.24 -16.31 0.36
N LEU A 92 0.77 -17.01 -0.13
CA LEU A 92 0.62 -17.79 -1.35
C LEU A 92 -0.46 -18.86 -1.19
N GLY A 93 -0.57 -19.39 0.03
CA GLY A 93 -1.57 -20.40 0.31
C GLY A 93 -2.97 -19.84 0.18
N ALA A 94 -3.19 -18.67 0.79
CA ALA A 94 -4.49 -18.01 0.74
C ALA A 94 -4.84 -17.64 -0.71
N SER A 95 -3.84 -17.19 -1.47
CA SER A 95 -4.06 -16.82 -2.87
C SER A 95 -4.52 -18.07 -3.63
N HIS A 96 -3.79 -19.16 -3.46
CA HIS A 96 -4.14 -20.43 -4.12
C HIS A 96 -5.54 -20.87 -3.71
N ARG A 97 -5.96 -20.54 -2.50
CA ARG A 97 -7.27 -20.95 -2.06
C ARG A 97 -8.36 -19.98 -2.51
N GLY A 98 -7.93 -18.82 -3.01
CA GLY A 98 -8.90 -17.83 -3.43
C GLY A 98 -9.39 -17.01 -2.25
N ALA A 99 -8.64 -17.04 -1.14
CA ALA A 99 -8.99 -16.27 0.06
C ALA A 99 -8.28 -14.91 0.02
N ILE A 100 -8.59 -14.04 0.96
CA ILE A 100 -8.01 -12.70 1.00
C ILE A 100 -7.14 -12.56 2.22
N ILE A 101 -5.99 -11.90 2.11
CA ILE A 101 -5.19 -11.73 3.30
C ILE A 101 -5.06 -10.26 3.68
N THR A 102 -5.13 -9.98 4.97
CA THR A 102 -4.97 -8.63 5.46
C THR A 102 -3.92 -8.76 6.55
N ALA A 103 -3.01 -7.80 6.61
CA ALA A 103 -1.95 -7.88 7.61
C ALA A 103 -1.85 -6.66 8.50
N ALA A 104 -1.33 -6.87 9.71
CA ALA A 104 -1.16 -5.81 10.69
C ALA A 104 0.20 -5.99 11.35
N ASN A 105 0.75 -4.89 11.85
CA ASN A 105 2.05 -4.91 12.53
C ASN A 105 1.93 -5.73 13.83
N PRO A 106 2.84 -6.70 14.03
CA PRO A 106 2.78 -7.53 15.24
C PRO A 106 2.80 -6.71 16.53
N PHE A 107 3.40 -5.52 16.45
CA PHE A 107 3.51 -4.63 17.60
C PHE A 107 2.30 -3.73 17.88
N SER A 108 1.22 -3.94 17.15
CA SER A 108 0.00 -3.14 17.37
C SER A 108 -0.59 -3.41 18.75
N THR A 109 -1.45 -2.51 19.22
CA THR A 109 -2.08 -2.71 20.52
C THR A 109 -3.27 -3.64 20.37
N PRO A 110 -3.66 -4.35 21.44
CA PRO A 110 -4.80 -5.27 21.40
C PRO A 110 -6.05 -4.63 20.79
N ALA A 111 -6.30 -3.37 21.14
CA ALA A 111 -7.46 -2.66 20.63
C ALA A 111 -7.41 -2.45 19.12
N GLU A 112 -6.30 -1.96 18.59
CA GLU A 112 -6.24 -1.76 17.14
C GLU A 112 -6.31 -3.11 16.42
N LEU A 113 -5.71 -4.12 17.04
CA LEU A 113 -5.72 -5.46 16.47
C LEU A 113 -7.17 -5.91 16.35
N ALA A 114 -7.93 -5.70 17.42
CA ALA A 114 -9.34 -6.08 17.44
C ALA A 114 -10.14 -5.29 16.40
N LYS A 115 -9.86 -3.99 16.28
CA LYS A 115 -10.57 -3.16 15.30
C LYS A 115 -10.27 -3.62 13.88
N HIS A 116 -9.00 -3.93 13.63
CA HIS A 116 -8.54 -4.39 12.33
C HIS A 116 -9.27 -5.69 11.98
N ALA A 117 -9.28 -6.61 12.92
CA ALA A 117 -9.91 -7.91 12.73
C ALA A 117 -11.43 -7.82 12.55
N LYS A 118 -12.09 -6.98 13.34
CA LYS A 118 -13.54 -6.84 13.21
C LYS A 118 -13.89 -6.17 11.91
N ALA A 119 -13.17 -5.10 11.58
CA ALA A 119 -13.42 -4.36 10.35
C ALA A 119 -13.24 -5.21 9.08
N SER A 120 -12.21 -6.06 9.07
CA SER A 120 -11.95 -6.88 7.89
C SER A 120 -12.75 -8.19 7.81
N ARG A 121 -13.54 -8.48 8.83
CA ARG A 121 -14.34 -9.72 8.86
C ARG A 121 -13.40 -10.93 8.84
N ALA A 122 -12.24 -10.81 9.49
CA ALA A 122 -11.25 -11.88 9.53
C ALA A 122 -11.77 -13.19 10.12
N LYS A 123 -11.64 -14.29 9.38
CA LYS A 123 -12.09 -15.60 9.84
C LYS A 123 -10.96 -16.37 10.53
N LEU A 124 -9.72 -16.05 10.16
CA LEU A 124 -8.54 -16.70 10.72
C LEU A 124 -7.51 -15.62 11.02
N LEU A 125 -6.72 -15.86 12.07
CA LEU A 125 -5.66 -14.94 12.48
C LEU A 125 -4.44 -15.82 12.71
N ILE A 126 -3.36 -15.54 11.98
CA ILE A 126 -2.12 -16.32 12.11
C ILE A 126 -1.09 -15.41 12.76
N THR A 127 -0.52 -15.86 13.86
CA THR A 127 0.46 -15.07 14.60
C THR A 127 1.44 -15.96 15.37
N GLN A 128 2.20 -15.38 16.28
CA GLN A 128 3.14 -16.15 17.08
C GLN A 128 2.56 -16.29 18.49
N ALA A 129 3.03 -17.29 19.23
CA ALA A 129 2.56 -17.55 20.58
C ALA A 129 2.51 -16.29 21.45
N CYS A 130 3.65 -15.61 21.58
CA CYS A 130 3.71 -14.42 22.42
C CYS A 130 2.59 -13.40 22.18
N TYR A 131 2.06 -13.35 20.96
CA TYR A 131 1.01 -12.39 20.64
C TYR A 131 -0.40 -12.92 20.92
N TYR A 132 -0.48 -14.18 21.33
CA TYR A 132 -1.79 -14.77 21.65
C TYR A 132 -2.49 -13.94 22.72
N GLU A 133 -1.71 -13.42 23.67
CA GLU A 133 -2.24 -12.59 24.74
C GLU A 133 -3.02 -11.39 24.24
N LYS A 134 -2.55 -10.77 23.16
CA LYS A 134 -3.25 -9.61 22.61
C LYS A 134 -4.56 -9.94 21.95
N VAL A 135 -4.62 -11.10 21.31
CA VAL A 135 -5.82 -11.45 20.57
C VAL A 135 -6.85 -12.33 21.25
N LYS A 136 -6.65 -12.71 22.51
CA LYS A 136 -7.65 -13.60 23.11
C LYS A 136 -9.01 -12.97 23.42
N ASP A 137 -9.02 -11.65 23.66
CA ASP A 137 -10.24 -10.92 23.97
C ASP A 137 -11.14 -10.74 22.75
N PHE A 138 -10.51 -10.61 21.58
CA PHE A 138 -11.25 -10.44 20.34
C PHE A 138 -11.89 -11.76 19.88
N ALA A 139 -11.11 -12.84 19.85
CA ALA A 139 -11.58 -14.17 19.42
C ALA A 139 -12.72 -14.69 20.29
N ARG A 140 -12.71 -14.25 21.54
CA ARG A 140 -13.74 -14.65 22.49
C ARG A 140 -15.06 -13.99 22.09
N GLU A 141 -14.97 -12.79 21.54
CA GLU A 141 -16.17 -12.07 21.11
C GLU A 141 -16.45 -12.37 19.64
N ASP A 143 -15.68 -15.82 17.16
CA ASP A 143 -15.84 -16.86 16.15
C ASP A 143 -14.57 -17.08 15.31
N VAL A 144 -13.79 -16.02 15.13
CA VAL A 144 -12.54 -16.09 14.39
C VAL A 144 -11.57 -17.10 15.02
N LYS A 145 -10.94 -17.91 14.18
CA LYS A 145 -10.00 -18.91 14.67
C LYS A 145 -8.58 -18.36 14.78
N VAL A 146 -7.90 -18.69 15.88
CA VAL A 146 -6.53 -18.24 16.12
C VAL A 146 -5.51 -19.35 15.90
N MET A 147 -4.51 -19.07 15.06
CA MET A 147 -3.48 -20.04 14.72
C MET A 147 -2.10 -19.44 14.95
N CYS A 148 -1.24 -20.22 15.60
CA CYS A 148 0.12 -19.80 15.88
C CYS A 148 1.12 -20.56 15.04
N VAL A 149 2.21 -19.88 14.77
CA VAL A 149 3.27 -20.42 13.95
C VAL A 149 4.34 -21.23 14.72
N ASP A 150 4.55 -20.90 16.00
CA ASP A 150 5.56 -21.58 16.81
C ASP A 150 5.00 -22.63 17.78
N SER A 151 4.38 -22.18 18.87
CA SER A 151 3.78 -23.11 19.83
C SER A 151 2.31 -22.70 19.88
N ALA A 152 1.43 -23.68 20.05
CA ALA A 152 0.00 -23.36 20.09
C ALA A 152 -0.57 -23.36 21.49
N PRO A 153 -0.53 -22.21 22.16
CA PRO A 153 -1.06 -22.10 23.52
C PRO A 153 -2.55 -22.46 23.57
N ASP A 154 -3.00 -22.92 24.73
CA ASP A 154 -4.40 -23.30 24.93
C ASP A 154 -5.00 -24.05 23.74
N GLY A 155 -6.10 -23.53 23.20
CA GLY A 155 -6.76 -24.18 22.09
C GLY A 155 -6.47 -23.65 20.68
N CYS A 156 -5.40 -22.87 20.55
CA CYS A 156 -5.04 -22.32 19.24
C CYS A 156 -4.63 -23.42 18.27
N LEU A 157 -4.82 -23.15 16.98
CA LEU A 157 -4.43 -24.10 15.94
C LEU A 157 -2.93 -23.88 15.66
N HIS A 158 -2.31 -24.83 14.98
CA HIS A 158 -0.89 -24.69 14.67
C HIS A 158 -0.71 -24.61 13.17
N PHE A 159 0.16 -23.69 12.74
CA PHE A 159 0.45 -23.49 11.33
C PHE A 159 0.75 -24.79 10.58
N SER A 160 1.32 -25.77 11.25
CA SER A 160 1.64 -27.03 10.60
C SER A 160 0.39 -27.73 10.09
N GLU A 161 -0.78 -27.33 10.58
CA GLU A 161 -2.02 -27.95 10.10
C GLU A 161 -2.21 -27.53 8.64
N LEU A 162 -1.53 -26.45 8.26
CA LEU A 162 -1.64 -25.96 6.89
C LEU A 162 -0.45 -26.42 6.03
N THR A 163 0.76 -26.40 6.59
CA THR A 163 1.91 -26.80 5.80
C THR A 163 2.00 -28.30 5.57
N GLN A 164 1.41 -29.09 6.46
CA GLN A 164 1.44 -30.55 6.35
C GLN A 164 0.17 -31.14 5.72
N ALA A 165 -0.75 -30.29 5.29
CA ALA A 165 -1.99 -30.78 4.68
C ALA A 165 -1.69 -31.44 3.33
N ASP A 166 -2.58 -32.32 2.90
CA ASP A 166 -2.43 -33.02 1.63
C ASP A 166 -2.90 -32.14 0.49
N GLU A 167 -1.97 -31.71 -0.35
CA GLU A 167 -2.28 -30.82 -1.48
C GLU A 167 -3.16 -31.43 -2.57
N ASN A 168 -3.33 -32.75 -2.56
CA ASN A 168 -4.18 -33.41 -3.55
C ASN A 168 -5.62 -32.98 -3.33
N GLU A 169 -5.97 -32.70 -2.09
CA GLU A 169 -7.33 -32.30 -1.82
C GLU A 169 -7.53 -30.79 -1.72
N ALA A 170 -6.57 -30.03 -2.23
CA ALA A 170 -6.72 -28.57 -2.23
C ALA A 170 -7.92 -28.35 -3.17
N PRO A 171 -8.88 -27.50 -2.77
CA PRO A 171 -10.07 -27.24 -3.58
C PRO A 171 -9.84 -26.63 -4.96
N GLN A 172 -10.55 -27.19 -5.94
CA GLN A 172 -10.50 -26.73 -7.33
C GLN A 172 -11.16 -25.37 -7.26
N VAL A 173 -10.44 -24.32 -7.60
CA VAL A 173 -11.04 -23.01 -7.50
C VAL A 173 -10.87 -22.12 -8.73
N ASP A 174 -11.94 -21.42 -9.09
CA ASP A 174 -11.92 -20.52 -10.23
C ASP A 174 -11.84 -19.11 -9.67
N ILE A 175 -10.70 -18.45 -9.92
CA ILE A 175 -10.49 -17.10 -9.44
C ILE A 175 -10.59 -16.11 -10.59
N SER A 176 -11.25 -14.99 -10.32
CA SER A 176 -11.40 -13.94 -11.31
C SER A 176 -10.29 -12.92 -11.03
N PRO A 177 -9.61 -12.46 -12.08
CA PRO A 177 -8.55 -11.47 -11.90
C PRO A 177 -9.02 -10.28 -11.09
N ASP A 178 -10.31 -9.96 -11.21
CA ASP A 178 -10.86 -8.82 -10.49
C ASP A 178 -11.05 -9.10 -9.01
N ASP A 179 -10.99 -10.37 -8.62
CA ASP A 179 -11.14 -10.72 -7.21
C ASP A 179 -10.04 -10.13 -6.33
N VAL A 180 -10.41 -9.76 -5.11
CA VAL A 180 -9.46 -9.21 -4.16
C VAL A 180 -8.57 -10.32 -3.57
N VAL A 181 -7.28 -10.02 -3.38
CA VAL A 181 -6.35 -10.97 -2.77
C VAL A 181 -5.75 -10.34 -1.52
N ALA A 182 -5.45 -9.05 -1.59
CA ALA A 182 -4.85 -8.35 -0.45
C ALA A 182 -5.75 -7.24 0.07
N LEU A 183 -5.79 -7.11 1.39
CA LEU A 183 -6.60 -6.08 1.99
C LEU A 183 -5.83 -5.22 2.99
N PRO A 184 -4.82 -4.48 2.50
CA PRO A 184 -4.05 -3.63 3.41
C PRO A 184 -4.93 -2.45 3.78
N TYR A 185 -4.75 -1.90 4.98
CA TYR A 185 -5.56 -0.74 5.36
C TYR A 185 -4.84 0.56 5.08
N SER A 186 -5.58 1.49 4.49
CA SER A 186 -5.04 2.79 4.14
C SER A 186 -4.50 3.49 5.37
N SER A 187 -3.87 4.62 5.13
CA SER A 187 -3.34 5.45 6.19
C SER A 187 -4.58 6.16 6.74
N GLY A 188 -4.41 6.95 7.79
CA GLY A 188 -5.55 7.67 8.35
C GLY A 188 -5.49 9.12 7.95
N THR A 189 -4.94 9.37 6.77
CA THR A 189 -4.80 10.72 6.25
C THR A 189 -6.11 11.35 5.79
N THR A 190 -7.02 10.52 5.32
CA THR A 190 -8.32 10.97 4.83
C THR A 190 -9.40 10.69 5.87
N GLY A 191 -8.95 10.36 7.08
CA GLY A 191 -9.88 10.08 8.15
C GLY A 191 -9.56 8.73 8.76
N LEU A 192 -10.56 7.87 8.83
CA LEU A 192 -10.37 6.55 9.39
C LEU A 192 -9.66 5.61 8.42
N PRO A 193 -8.76 4.76 8.95
CA PRO A 193 -8.07 3.82 8.06
C PRO A 193 -9.13 2.99 7.32
N LYS A 194 -8.93 2.81 6.03
CA LYS A 194 -9.91 2.07 5.23
C LYS A 194 -9.31 0.84 4.55
N GLY A 195 -10.14 -0.20 4.41
CA GLY A 195 -9.70 -1.43 3.77
C GLY A 195 -9.49 -1.27 2.28
N VAL A 196 -8.25 -1.35 1.83
CA VAL A 196 -7.94 -1.17 0.41
C VAL A 196 -7.95 -2.53 -0.32
N MET A 197 -8.92 -2.71 -1.20
CA MET A 197 -9.05 -3.95 -1.94
C MET A 197 -8.13 -4.03 -3.14
N LEU A 198 -7.03 -4.75 -3.00
CA LEU A 198 -6.09 -4.92 -4.11
C LEU A 198 -6.46 -6.26 -4.74
N THR A 199 -6.68 -6.26 -6.05
CA THR A 199 -7.08 -7.48 -6.72
C THR A 199 -5.93 -8.29 -7.31
N HIS A 200 -6.24 -9.50 -7.76
CA HIS A 200 -5.25 -10.35 -8.38
C HIS A 200 -4.69 -9.57 -9.58
N LYS A 201 -5.59 -9.15 -10.48
CA LYS A 201 -5.19 -8.38 -11.65
C LYS A 201 -4.40 -7.12 -11.25
N GLY A 202 -4.87 -6.45 -10.21
CA GLY A 202 -4.20 -5.24 -9.76
C GLY A 202 -2.75 -5.46 -9.35
N LEU A 203 -2.51 -6.46 -8.50
CA LEU A 203 -1.15 -6.73 -8.07
C LEU A 203 -0.29 -7.31 -9.19
N ILE A 204 -0.85 -8.15 -10.06
CA ILE A 204 -0.07 -8.69 -11.17
C ILE A 204 0.45 -7.51 -12.00
N THR A 205 -0.44 -6.54 -12.23
CA THR A 205 -0.08 -5.37 -13.00
C THR A 205 1.02 -4.56 -12.32
N SER A 206 0.90 -4.37 -11.01
CA SER A 206 1.89 -3.60 -10.26
C SER A 206 3.27 -4.27 -10.36
N VAL A 207 3.30 -5.59 -10.15
CA VAL A 207 4.55 -6.34 -10.24
C VAL A 207 5.12 -6.25 -11.66
N ALA A 208 4.29 -6.50 -12.65
CA ALA A 208 4.73 -6.43 -14.04
C ALA A 208 5.37 -5.07 -14.30
N GLN A 209 4.66 -4.00 -13.92
CA GLN A 209 5.14 -2.65 -14.13
C GLN A 209 6.56 -2.47 -13.61
N GLN A 210 6.88 -3.17 -12.54
CA GLN A 210 8.19 -3.05 -11.93
C GLN A 210 9.31 -3.93 -12.51
N VAL A 211 9.04 -5.22 -12.70
CA VAL A 211 10.08 -6.13 -13.16
C VAL A 211 9.93 -6.87 -14.48
N ASP A 212 8.87 -6.60 -15.24
CA ASP A 212 8.68 -7.29 -16.52
C ASP A 212 9.08 -6.44 -17.72
N GLY A 213 9.22 -7.11 -18.88
CA GLY A 213 9.59 -6.45 -20.12
C GLY A 213 11.03 -6.73 -20.52
N ASP A 214 11.41 -6.46 -21.77
CA ASP A 214 12.79 -6.69 -22.15
C ASP A 214 13.65 -5.57 -21.59
N ASN A 215 13.00 -4.53 -21.09
CA ASN A 215 13.68 -3.42 -20.45
C ASN A 215 12.88 -3.05 -19.19
N PRO A 216 12.89 -3.93 -18.19
CA PRO A 216 12.17 -3.75 -16.92
C PRO A 216 12.61 -2.50 -16.18
N ASN A 217 11.66 -1.83 -15.54
CA ASN A 217 11.92 -0.62 -14.77
C ASN A 217 12.90 -0.97 -13.66
N LEU A 218 12.78 -2.20 -13.14
CA LEU A 218 13.67 -2.71 -12.10
C LEU A 218 14.28 -3.98 -12.68
N TYR A 219 15.60 -4.01 -12.80
CA TYR A 219 16.27 -5.16 -13.37
C TYR A 219 16.73 -6.25 -12.39
N PHE A 220 15.77 -6.94 -11.78
CA PHE A 220 16.09 -8.03 -10.85
C PHE A 220 16.22 -9.32 -11.65
N HIS A 221 16.71 -10.36 -10.99
CA HIS A 221 16.86 -11.68 -11.59
C HIS A 221 17.32 -12.68 -10.53
N SER A 222 17.19 -13.97 -10.83
CA SER A 222 17.58 -15.01 -9.88
C SER A 222 19.02 -14.92 -9.35
N GLU A 223 19.92 -14.24 -10.06
CA GLU A 223 21.30 -14.11 -9.60
C GLU A 223 21.44 -13.05 -8.49
N ASP A 224 20.36 -12.34 -8.18
CA ASP A 224 20.35 -11.33 -7.13
C ASP A 224 19.91 -11.95 -5.81
N VAL A 225 20.14 -11.22 -4.74
CA VAL A 225 19.71 -11.64 -3.40
C VAL A 225 19.04 -10.39 -2.86
N ILE A 226 17.75 -10.49 -2.58
CA ILE A 226 16.99 -9.35 -2.09
C ILE A 226 16.88 -9.32 -0.58
N LEU A 227 17.18 -8.17 0.01
CA LEU A 227 17.09 -8.05 1.45
C LEU A 227 15.66 -7.71 1.86
N CYS A 228 15.21 -8.29 2.97
CA CYS A 228 13.88 -7.99 3.47
C CYS A 228 13.93 -7.71 4.98
N VAL A 229 14.25 -6.46 5.31
CA VAL A 229 14.32 -6.02 6.70
C VAL A 229 13.11 -5.14 6.99
N LEU A 230 12.45 -4.68 5.93
CA LEU A 230 11.24 -3.87 6.08
C LEU A 230 10.13 -4.86 6.45
N PRO A 231 9.07 -4.38 7.13
CA PRO A 231 7.98 -5.30 7.50
C PRO A 231 7.09 -5.74 6.34
N MET A 232 6.87 -7.05 6.23
CA MET A 232 6.04 -7.60 5.17
C MET A 232 4.56 -7.25 5.28
N PHE A 233 4.11 -6.83 6.45
CA PHE A 233 2.70 -6.50 6.63
C PHE A 233 2.38 -5.22 5.88
N HIS A 234 3.41 -4.41 5.60
CA HIS A 234 3.19 -3.18 4.86
C HIS A 234 3.17 -3.54 3.37
N ILE A 235 2.17 -3.04 2.67
CA ILE A 235 2.01 -3.33 1.25
C ILE A 235 3.24 -3.03 0.39
N TYR A 236 4.06 -2.06 0.78
CA TYR A 236 5.25 -1.75 0.00
C TYR A 236 6.25 -2.91 -0.07
N ALA A 237 6.48 -3.57 1.06
CA ALA A 237 7.41 -4.70 1.11
C ALA A 237 6.75 -5.95 0.52
N LEU A 238 5.49 -6.17 0.90
CA LEU A 238 4.74 -7.33 0.44
C LEU A 238 4.74 -7.35 -1.09
N ASN A 239 4.66 -6.17 -1.69
CA ASN A 239 4.64 -6.02 -3.14
C ASN A 239 6.03 -5.91 -3.77
N SER A 240 6.73 -4.83 -3.47
CA SER A 240 8.05 -4.56 -4.04
C SER A 240 9.14 -5.53 -3.64
N ILE A 241 8.97 -6.22 -2.51
CA ILE A 241 9.98 -7.16 -2.07
C ILE A 241 9.57 -8.62 -2.29
N MET A 242 8.48 -9.03 -1.65
CA MET A 242 8.01 -10.41 -1.74
C MET A 242 7.50 -10.83 -3.12
N LEU A 243 6.42 -10.22 -3.57
CA LEU A 243 5.86 -10.57 -4.89
C LEU A 243 6.87 -10.38 -6.02
N CYS A 244 7.54 -9.24 -6.07
CA CYS A 244 8.53 -8.97 -7.11
C CYS A 244 9.68 -9.96 -7.04
N GLY A 245 10.13 -10.25 -5.83
CA GLY A 245 11.22 -11.18 -5.67
C GLY A 245 10.83 -12.52 -6.26
N LEU A 246 9.59 -12.94 -5.99
CA LEU A 246 9.10 -14.21 -6.46
C LEU A 246 8.94 -14.28 -7.99
N ARG A 247 8.27 -13.31 -8.59
CA ARG A 247 8.08 -13.34 -10.03
C ARG A 247 9.43 -13.51 -10.75
N VAL A 248 10.45 -12.87 -10.18
CA VAL A 248 11.79 -12.89 -10.75
C VAL A 248 12.61 -14.14 -10.45
N GLY A 249 12.25 -14.88 -9.40
CA GLY A 249 12.98 -16.09 -9.05
C GLY A 249 14.19 -15.81 -8.19
N ALA A 250 14.18 -14.67 -7.52
CA ALA A 250 15.29 -14.27 -6.66
C ALA A 250 15.10 -14.74 -5.24
N PRO A 251 16.18 -15.12 -4.57
CA PRO A 251 16.06 -15.58 -3.18
C PRO A 251 15.80 -14.34 -2.32
N ILE A 252 15.02 -14.51 -1.27
CA ILE A 252 14.71 -13.37 -0.41
C ILE A 252 15.28 -13.58 0.99
N LEU A 253 16.16 -12.67 1.40
CA LEU A 253 16.78 -12.74 2.73
C LEU A 253 15.86 -12.08 3.75
N ILE A 254 15.16 -12.92 4.51
CA ILE A 254 14.20 -12.44 5.51
C ILE A 254 14.75 -12.25 6.92
N MET A 255 14.59 -11.03 7.46
CA MET A 255 15.05 -10.72 8.81
C MET A 255 13.88 -10.29 9.70
N PRO A 256 13.36 -11.21 10.54
CA PRO A 256 12.23 -10.92 11.45
C PRO A 256 12.48 -9.64 12.22
N LYS A 257 13.73 -9.43 12.59
CA LYS A 257 14.17 -8.25 13.33
C LYS A 257 15.65 -8.19 13.00
N PHE A 258 16.19 -7.00 12.77
CA PHE A 258 17.60 -6.92 12.46
C PHE A 258 18.35 -5.96 13.38
N GLU A 259 19.58 -6.33 13.69
CA GLU A 259 20.42 -5.51 14.55
C GLU A 259 21.10 -4.46 13.66
N ILE A 260 20.63 -3.22 13.74
CA ILE A 260 21.23 -2.16 12.94
C ILE A 260 22.67 -2.04 13.42
N GLY A 261 23.60 -1.86 12.49
CA GLY A 261 24.99 -1.76 12.87
C GLY A 261 25.77 -2.99 12.45
N SER A 262 25.05 -4.10 12.27
CA SER A 262 25.68 -5.34 11.83
C SER A 262 25.09 -5.78 10.49
N LEU A 263 24.37 -4.87 9.83
CA LEU A 263 23.75 -5.13 8.54
C LEU A 263 24.82 -5.33 7.47
N LEU A 264 25.92 -4.60 7.58
CA LEU A 264 27.02 -4.74 6.62
C LEU A 264 27.49 -6.19 6.66
N GLY A 265 27.50 -6.78 7.85
CA GLY A 265 27.89 -8.17 7.99
C GLY A 265 26.93 -9.06 7.22
N LEU A 266 25.63 -8.87 7.46
CA LEU A 266 24.62 -9.65 6.77
C LEU A 266 24.78 -9.52 5.25
N ILE A 267 24.86 -8.28 4.78
CA ILE A 267 25.03 -7.99 3.35
C ILE A 267 26.20 -8.78 2.76
N GLU A 268 27.33 -8.80 3.48
CA GLU A 268 28.51 -9.53 3.01
C GLU A 268 28.28 -11.04 3.03
N LYS A 269 27.88 -11.57 4.18
CA LYS A 269 27.66 -13.00 4.32
C LYS A 269 26.70 -13.60 3.30
N TYR A 270 25.57 -12.93 3.05
CA TYR A 270 24.58 -13.46 2.11
C TYR A 270 24.68 -12.90 0.70
N LYS A 271 25.65 -12.02 0.47
CA LYS A 271 25.82 -11.44 -0.86
C LYS A 271 24.57 -10.74 -1.34
N VAL A 272 24.02 -9.89 -0.49
CA VAL A 272 22.84 -9.10 -0.83
C VAL A 272 23.19 -8.17 -1.98
N SER A 273 22.35 -8.14 -3.00
CA SER A 273 22.60 -7.29 -4.15
C SER A 273 21.60 -6.15 -4.20
N ILE A 274 20.39 -6.40 -3.70
CA ILE A 274 19.36 -5.36 -3.67
C ILE A 274 19.04 -5.10 -2.22
N ALA A 275 19.24 -3.87 -1.78
CA ALA A 275 18.99 -3.51 -0.38
C ALA A 275 17.98 -2.38 -0.14
N PRO A 276 16.69 -2.74 0.01
CA PRO A 276 15.61 -1.76 0.27
C PRO A 276 15.69 -1.43 1.77
N VAL A 277 15.96 -0.17 2.10
CA VAL A 277 16.08 0.16 3.51
C VAL A 277 15.61 1.55 3.87
N VAL A 278 15.14 1.73 5.11
CA VAL A 278 14.67 3.03 5.56
C VAL A 278 15.85 3.99 5.66
N PRO A 279 15.58 5.29 5.56
CA PRO A 279 16.61 6.35 5.63
C PRO A 279 17.61 6.25 6.80
N PRO A 280 17.13 6.09 8.04
CA PRO A 280 18.07 6.00 9.16
C PRO A 280 19.08 4.86 9.02
N VAL A 281 18.61 3.67 8.67
CA VAL A 281 19.51 2.54 8.50
C VAL A 281 20.47 2.82 7.34
N MET A 282 19.99 3.50 6.32
CA MET A 282 20.80 3.81 5.16
C MET A 282 21.92 4.80 5.48
N MET A 283 21.58 5.84 6.25
CA MET A 283 22.55 6.85 6.64
C MET A 283 23.67 6.20 7.45
N SER A 284 23.28 5.28 8.33
CA SER A 284 24.23 4.60 9.18
C SER A 284 25.30 3.81 8.44
N ILE A 285 24.89 2.80 7.67
CA ILE A 285 25.85 1.98 6.92
C ILE A 285 26.70 2.84 6.01
N ALA A 286 26.16 3.98 5.59
CA ALA A 286 26.91 4.87 4.71
C ALA A 286 28.04 5.58 5.45
N LYS A 287 27.84 5.85 6.73
CA LYS A 287 28.85 6.54 7.54
C LYS A 287 29.73 5.59 8.33
N SER A 288 29.56 4.28 8.11
CA SER A 288 30.37 3.27 8.79
C SER A 288 31.83 3.36 8.37
N PRO A 289 32.75 3.46 9.34
CA PRO A 289 34.17 3.54 9.02
C PRO A 289 34.76 2.21 8.56
N ASP A 290 33.97 1.14 8.65
CA ASP A 290 34.45 -0.20 8.27
C ASP A 290 34.01 -0.69 6.88
N LEU A 291 33.47 0.21 6.05
CA LEU A 291 33.02 -0.20 4.73
C LEU A 291 34.02 -1.00 3.92
N ASP A 292 35.24 -0.50 3.81
CA ASP A 292 36.29 -1.19 3.05
C ASP A 292 36.79 -2.49 3.67
N LYS A 293 36.26 -2.86 4.83
CA LYS A 293 36.69 -4.10 5.48
C LYS A 293 35.73 -5.24 5.12
N HIS A 294 34.59 -4.89 4.56
CA HIS A 294 33.61 -5.90 4.15
C HIS A 294 33.64 -6.03 2.64
N ASP A 295 33.17 -7.16 2.15
CA ASP A 295 33.09 -7.39 0.71
C ASP A 295 31.68 -7.02 0.29
N LEU A 296 31.49 -5.77 -0.13
CA LEU A 296 30.17 -5.30 -0.56
C LEU A 296 30.09 -5.32 -2.09
N SER A 297 31.06 -5.98 -2.72
CA SER A 297 31.12 -6.10 -4.17
C SER A 297 29.81 -6.57 -4.79
N SER A 298 28.99 -7.27 -4.01
CA SER A 298 27.72 -7.79 -4.48
C SER A 298 26.59 -6.75 -4.56
N LEU A 299 26.72 -5.65 -3.81
CA LEU A 299 25.69 -4.62 -3.79
C LEU A 299 25.47 -3.91 -5.15
N ARG A 300 24.26 -4.02 -5.67
CA ARG A 300 23.93 -3.38 -6.95
C ARG A 300 22.99 -2.20 -6.75
N MET A 301 21.93 -2.40 -5.98
CA MET A 301 20.97 -1.34 -5.74
C MET A 301 20.58 -1.13 -4.28
N ILE A 302 20.39 0.14 -3.93
CA ILE A 302 19.97 0.54 -2.59
C ILE A 302 18.67 1.32 -2.81
N LYS A 303 17.58 0.84 -2.21
CA LYS A 303 16.28 1.50 -2.37
C LYS A 303 15.83 2.27 -1.16
N SER A 304 15.41 3.51 -1.38
CA SER A 304 14.94 4.38 -0.32
C SER A 304 13.74 3.77 0.38
N GLU A 312 21.39 15.47 -0.45
CA GLU A 312 22.27 15.37 0.70
C GLU A 312 22.75 13.94 0.91
N LEU A 313 21.98 13.17 1.67
CA LEU A 313 22.32 11.77 1.95
C LEU A 313 22.43 10.99 0.64
N GLU A 314 21.91 11.58 -0.44
CA GLU A 314 21.99 10.96 -1.75
C GLU A 314 23.43 11.01 -2.24
N ASP A 315 24.04 12.18 -2.10
CA ASP A 315 25.43 12.38 -2.53
C ASP A 315 26.40 11.44 -1.83
N THR A 316 26.28 11.32 -0.52
CA THR A 316 27.18 10.46 0.25
C THR A 316 26.93 8.97 -0.04
N VAL A 317 25.67 8.59 -0.17
CA VAL A 317 25.35 7.19 -0.47
C VAL A 317 26.04 6.77 -1.75
N ARG A 318 25.87 7.55 -2.80
CA ARG A 318 26.51 7.24 -4.08
C ARG A 318 28.03 7.30 -3.96
N ALA A 319 28.51 8.05 -2.98
CA ALA A 319 29.95 8.17 -2.76
C ALA A 319 30.49 6.97 -2.00
N LYS A 320 29.71 6.45 -1.05
CA LYS A 320 30.14 5.31 -0.25
C LYS A 320 29.88 3.95 -0.90
N PHE A 321 28.96 3.90 -1.85
CA PHE A 321 28.64 2.65 -2.53
C PHE A 321 28.67 2.88 -4.05
N PRO A 322 29.84 3.25 -4.58
CA PRO A 322 30.00 3.51 -6.02
C PRO A 322 29.63 2.33 -6.91
N GLN A 323 29.73 1.12 -6.37
CA GLN A 323 29.40 -0.08 -7.15
C GLN A 323 27.89 -0.25 -7.25
N ALA A 324 27.17 0.37 -6.33
CA ALA A 324 25.71 0.26 -6.34
C ALA A 324 25.05 1.52 -6.91
N ARG A 325 23.77 1.40 -7.22
CA ARG A 325 23.00 2.52 -7.75
C ARG A 325 21.91 2.82 -6.74
N LEU A 326 21.50 4.09 -6.68
CA LEU A 326 20.46 4.50 -5.75
C LEU A 326 19.18 4.74 -6.54
N GLY A 327 18.11 4.05 -6.15
CA GLY A 327 16.84 4.21 -6.84
C GLY A 327 15.80 4.90 -5.98
N GLN A 328 14.88 5.60 -6.61
CA GLN A 328 13.84 6.31 -5.86
C GLN A 328 12.43 5.96 -6.33
N GLY A 329 11.51 5.93 -5.38
CA GLY A 329 10.13 5.62 -5.71
C GLY A 329 9.13 6.49 -4.97
N TYR A 330 7.85 6.31 -5.30
CA TYR A 330 6.77 7.06 -4.70
C TYR A 330 5.52 6.18 -4.75
N GLY A 331 4.95 5.91 -3.59
CA GLY A 331 3.77 5.06 -3.54
C GLY A 331 2.64 5.51 -2.64
N MET A 332 1.51 4.84 -2.79
CA MET A 332 0.32 5.11 -2.01
C MET A 332 -0.49 3.84 -2.00
N THR A 333 -0.85 3.37 -0.80
CA THR A 333 -1.61 2.13 -0.68
C THR A 333 -2.72 2.02 -1.72
N GLU A 334 -3.59 3.01 -1.77
CA GLU A 334 -4.69 2.99 -2.75
C GLU A 334 -4.19 2.82 -4.17
N ALA A 335 -2.95 3.24 -4.43
CA ALA A 335 -2.37 3.17 -5.77
C ALA A 335 -1.80 1.79 -6.16
N GLY A 336 -1.76 0.85 -5.22
CA GLY A 336 -1.29 -0.48 -5.58
C GLY A 336 0.04 -1.06 -5.07
N PRO A 337 0.95 -0.28 -4.48
CA PRO A 337 0.87 1.16 -4.20
C PRO A 337 1.90 1.98 -5.00
N VAL A 338 2.67 1.32 -5.85
CA VAL A 338 3.71 2.02 -6.60
C VAL A 338 3.20 2.94 -7.70
N LEU A 339 3.39 4.24 -7.50
CA LEU A 339 2.97 5.27 -8.45
C LEU A 339 4.08 5.62 -9.43
N ALA A 340 5.29 5.82 -8.92
CA ALA A 340 6.42 6.19 -9.77
C ALA A 340 7.76 5.64 -9.28
N MET A 341 8.72 5.59 -10.20
CA MET A 341 10.06 5.10 -9.93
C MET A 341 11.02 5.82 -10.85
N CYS A 342 12.30 5.84 -10.49
CA CYS A 342 13.29 6.46 -11.34
C CYS A 342 13.78 5.34 -12.26
N LEU A 343 14.64 5.68 -13.22
CA LEU A 343 15.15 4.70 -14.17
C LEU A 343 16.59 4.24 -13.87
N ALA A 344 17.11 4.68 -12.74
CA ALA A 344 18.47 4.36 -12.31
C ALA A 344 18.82 2.88 -12.33
N PHE A 345 17.83 2.01 -12.14
CA PHE A 345 18.12 0.58 -12.10
C PHE A 345 17.41 -0.25 -13.17
N ALA A 346 17.06 0.37 -14.29
CA ALA A 346 16.41 -0.35 -15.36
C ALA A 346 17.52 -1.04 -16.15
N LYS A 347 17.18 -2.09 -16.88
CA LYS A 347 18.16 -2.83 -17.68
C LYS A 347 18.89 -1.80 -18.54
N GLU A 348 18.14 -0.81 -19.01
CA GLU A 348 18.68 0.30 -19.81
C GLU A 348 18.48 1.50 -18.88
N PRO A 349 19.44 1.74 -17.98
CA PRO A 349 19.39 2.85 -17.02
C PRO A 349 19.53 4.28 -17.52
N PHE A 350 18.93 5.21 -16.79
CA PHE A 350 18.98 6.64 -17.08
C PHE A 350 18.91 7.39 -15.76
N ASP A 351 19.53 8.56 -15.70
CA ASP A 351 19.52 9.34 -14.47
C ASP A 351 18.36 10.32 -14.28
N ILE A 352 18.01 10.54 -13.01
CA ILE A 352 16.93 11.47 -12.64
C ILE A 352 17.56 12.65 -11.91
N LYS A 353 17.02 13.84 -12.12
CA LYS A 353 17.54 15.03 -11.46
C LYS A 353 17.16 14.98 -9.99
N PRO A 354 18.00 15.54 -9.11
CA PRO A 354 17.70 15.53 -7.68
C PRO A 354 16.37 16.20 -7.39
N GLY A 355 15.68 15.72 -6.36
CA GLY A 355 14.40 16.25 -5.99
C GLY A 355 13.25 15.47 -6.60
N ALA A 356 13.48 14.94 -7.80
CA ALA A 356 12.46 14.16 -8.47
C ALA A 356 12.32 12.83 -7.73
N CYS A 357 11.16 12.20 -7.83
CA CYS A 357 10.92 10.93 -7.15
C CYS A 357 10.79 9.81 -8.17
N GLY A 358 11.03 10.16 -9.43
CA GLY A 358 10.95 9.20 -10.52
C GLY A 358 9.99 9.60 -11.63
N THR A 359 9.43 8.61 -12.30
CA THR A 359 8.46 8.83 -13.38
C THR A 359 7.35 7.82 -13.22
N VAL A 360 6.14 8.18 -13.64
CA VAL A 360 5.01 7.28 -13.53
C VAL A 360 5.36 5.90 -14.06
N VAL A 361 4.84 4.89 -13.38
CA VAL A 361 5.06 3.50 -13.74
C VAL A 361 4.48 3.26 -15.16
N ARG A 362 5.03 2.31 -15.91
CA ARG A 362 4.53 2.02 -17.26
C ARG A 362 3.12 1.40 -17.22
N ASN A 363 2.44 1.35 -18.36
CA ASN A 363 1.08 0.80 -18.45
C ASN A 363 0.13 1.56 -17.50
N ALA A 364 0.24 2.88 -17.55
CA ALA A 364 -0.59 3.73 -16.73
C ALA A 364 -0.54 5.15 -17.28
N GLU A 365 -1.37 6.02 -16.74
CA GLU A 365 -1.40 7.40 -17.18
C GLU A 365 -1.37 8.28 -15.95
N MET A 366 -0.68 9.40 -16.04
CA MET A 366 -0.65 10.34 -14.93
C MET A 366 -1.11 11.68 -15.43
N LYS A 367 -1.77 12.42 -14.54
CA LYS A 367 -2.28 13.74 -14.87
C LYS A 367 -2.13 14.66 -13.66
N ILE A 368 -1.91 15.95 -13.92
CA ILE A 368 -1.80 16.92 -12.84
C ILE A 368 -3.01 17.81 -13.01
N VAL A 369 -3.83 17.90 -11.98
CA VAL A 369 -5.05 18.69 -12.09
C VAL A 369 -5.09 19.95 -11.21
N ASP A 370 -5.74 21.00 -11.73
CA ASP A 370 -5.87 22.27 -11.00
C ASP A 370 -6.91 22.06 -9.91
N PRO A 371 -6.49 22.14 -8.64
CA PRO A 371 -7.34 21.96 -7.46
C PRO A 371 -8.69 22.67 -7.43
N GLU A 372 -8.79 23.87 -8.01
CA GLU A 372 -10.06 24.58 -7.95
C GLU A 372 -10.94 24.50 -9.21
N THR A 373 -10.36 24.09 -10.33
CA THR A 373 -11.12 23.97 -11.57
C THR A 373 -11.23 22.52 -11.99
N GLY A 374 -10.22 21.73 -11.61
CA GLY A 374 -10.23 20.33 -11.98
C GLY A 374 -9.71 20.11 -13.39
N ALA A 375 -9.09 21.13 -13.97
CA ALA A 375 -8.55 21.01 -15.32
C ALA A 375 -7.14 20.43 -15.33
N SER A 376 -6.78 19.79 -16.44
CA SER A 376 -5.45 19.19 -16.61
C SER A 376 -4.42 20.28 -16.81
N LEU A 377 -3.34 20.23 -16.05
CA LEU A 377 -2.29 21.23 -16.16
C LEU A 377 -1.15 20.69 -17.03
N PRO A 378 -0.39 21.61 -17.65
CA PRO A 378 0.73 21.21 -18.50
C PRO A 378 2.02 21.03 -17.68
N ARG A 379 3.11 20.69 -18.35
CA ARG A 379 4.40 20.50 -17.66
C ARG A 379 4.80 21.72 -16.86
N ASN A 380 5.50 21.48 -15.74
CA ASN A 380 5.98 22.55 -14.88
C ASN A 380 4.89 23.35 -14.16
N GLN A 381 3.72 22.75 -14.00
CA GLN A 381 2.64 23.45 -13.31
C GLN A 381 2.04 22.58 -12.19
N PRO A 382 2.18 23.03 -10.93
CA PRO A 382 1.70 22.39 -9.69
C PRO A 382 0.22 22.06 -9.68
N GLY A 383 -0.11 20.83 -9.27
CA GLY A 383 -1.50 20.40 -9.22
C GLY A 383 -1.61 19.08 -8.49
N GLU A 384 -2.83 18.60 -8.25
CA GLU A 384 -3.00 17.33 -7.57
C GLU A 384 -2.62 16.18 -8.49
N ILE A 385 -1.84 15.25 -7.99
CA ILE A 385 -1.42 14.10 -8.80
C ILE A 385 -2.54 13.06 -8.95
N CYS A 386 -2.86 12.71 -10.19
CA CYS A 386 -3.89 11.73 -10.45
C CYS A 386 -3.28 10.63 -11.32
N ILE A 387 -3.65 9.39 -11.05
CA ILE A 387 -3.12 8.27 -11.82
C ILE A 387 -4.23 7.32 -12.19
N ARG A 388 -4.08 6.67 -13.33
CA ARG A 388 -5.07 5.71 -13.80
C ARG A 388 -4.35 4.50 -14.37
N GLY A 389 -4.92 3.32 -14.13
CA GLY A 389 -4.32 2.09 -14.62
C GLY A 389 -4.83 0.91 -13.82
N ASP A 390 -4.56 -0.30 -14.28
CA ASP A 390 -5.03 -1.51 -13.62
C ASP A 390 -4.42 -1.85 -12.27
N GLN A 391 -3.32 -1.19 -11.91
CA GLN A 391 -2.68 -1.45 -10.64
C GLN A 391 -3.39 -0.83 -9.43
N ILE A 392 -4.18 0.24 -9.61
CA ILE A 392 -4.84 0.85 -8.45
C ILE A 392 -5.91 -0.07 -7.85
N MET A 393 -6.24 0.19 -6.59
CA MET A 393 -7.23 -0.59 -5.87
C MET A 393 -8.57 -0.66 -6.57
N LYS A 394 -9.37 -1.67 -6.25
CA LYS A 394 -10.70 -1.77 -6.82
C LYS A 394 -11.58 -0.80 -6.03
N GLY A 395 -11.22 -0.59 -4.76
CA GLY A 395 -11.97 0.32 -3.92
C GLY A 395 -11.79 0.07 -2.43
N TYR A 396 -12.52 0.82 -1.62
CA TYR A 396 -12.49 0.68 -0.17
C TYR A 396 -13.55 -0.33 0.27
N LEU A 397 -13.15 -1.29 1.09
CA LEU A 397 -14.04 -2.33 1.59
C LEU A 397 -15.35 -1.82 2.17
N ASN A 398 -16.46 -2.28 1.61
CA ASN A 398 -17.81 -1.90 2.08
C ASN A 398 -17.97 -0.39 2.20
N ASP A 399 -17.43 0.35 1.25
CA ASP A 399 -17.51 1.80 1.29
C ASP A 399 -17.46 2.37 -0.11
N PRO A 400 -18.50 2.10 -0.92
CA PRO A 400 -18.53 2.61 -2.29
C PRO A 400 -18.60 4.14 -2.33
N GLU A 401 -19.31 4.73 -1.36
CA GLU A 401 -19.42 6.18 -1.32
C GLU A 401 -18.03 6.82 -1.23
N ALA A 402 -17.18 6.29 -0.34
CA ALA A 402 -15.84 6.83 -0.20
C ALA A 402 -15.03 6.51 -1.46
N THR A 403 -15.32 5.36 -2.06
CA THR A 403 -14.61 4.96 -3.26
C THR A 403 -14.88 5.91 -4.43
N SER A 404 -16.16 6.14 -4.70
CA SER A 404 -16.58 7.00 -5.80
C SER A 404 -16.16 8.46 -5.61
N ARG A 405 -15.70 8.82 -4.43
CA ARG A 405 -15.28 10.19 -4.19
C ARG A 405 -13.75 10.30 -4.13
N THR A 406 -13.08 9.18 -4.43
CA THR A 406 -11.61 9.11 -4.43
C THR A 406 -11.14 8.76 -5.83
N ILE A 407 -11.90 7.90 -6.51
CA ILE A 407 -11.62 7.48 -7.87
C ILE A 407 -12.78 8.02 -8.69
N ASP A 408 -12.52 8.95 -9.60
CA ASP A 408 -13.60 9.53 -10.40
C ASP A 408 -14.18 8.53 -11.38
N LYS A 409 -15.31 8.87 -11.99
CA LYS A 409 -15.99 7.97 -12.91
C LYS A 409 -15.20 7.62 -14.16
N GLU A 410 -14.11 8.34 -14.41
CA GLU A 410 -13.27 8.04 -15.56
C GLU A 410 -12.05 7.20 -15.17
N GLY A 411 -12.03 6.74 -13.92
CA GLY A 411 -10.96 5.90 -13.43
C GLY A 411 -9.72 6.54 -12.83
N TRP A 412 -9.72 7.86 -12.68
CA TRP A 412 -8.56 8.52 -12.11
C TRP A 412 -8.55 8.49 -10.59
N LEU A 413 -7.43 8.08 -10.02
CA LEU A 413 -7.28 8.05 -8.57
C LEU A 413 -6.68 9.40 -8.19
N HIS A 414 -7.36 10.13 -7.32
CA HIS A 414 -6.87 11.43 -6.87
C HIS A 414 -6.09 11.19 -5.59
N THR A 415 -4.76 11.23 -5.71
CA THR A 415 -3.87 10.97 -4.60
C THR A 415 -3.93 11.94 -3.43
N GLY A 416 -4.24 13.19 -3.72
CA GLY A 416 -4.29 14.18 -2.66
C GLY A 416 -2.97 14.92 -2.52
N ASP A 417 -1.97 14.53 -3.30
CA ASP A 417 -0.67 15.20 -3.23
C ASP A 417 -0.48 16.22 -4.34
N ILE A 418 0.26 17.27 -4.03
CA ILE A 418 0.53 18.31 -5.01
C ILE A 418 1.91 18.05 -5.60
N GLY A 419 2.04 18.18 -6.93
CA GLY A 419 3.30 17.95 -7.57
C GLY A 419 3.27 18.41 -9.01
N TYR A 420 4.38 18.30 -9.71
CA TYR A 420 4.43 18.70 -11.12
C TYR A 420 5.37 17.81 -11.91
N ILE A 421 5.25 17.86 -13.23
CA ILE A 421 6.09 17.06 -14.10
C ILE A 421 6.85 18.00 -15.03
N ASP A 422 8.18 18.00 -14.92
CA ASP A 422 9.01 18.87 -15.74
C ASP A 422 9.16 18.38 -17.19
N ASP A 423 10.02 19.05 -17.95
CA ASP A 423 10.25 18.72 -19.35
C ASP A 423 10.89 17.36 -19.56
N ASP A 424 11.52 16.84 -18.51
CA ASP A 424 12.18 15.54 -18.60
C ASP A 424 11.24 14.43 -18.13
N ASP A 425 9.95 14.75 -18.04
CA ASP A 425 8.94 13.79 -17.60
C ASP A 425 9.23 13.27 -16.19
N GLU A 426 9.91 14.08 -15.40
CA GLU A 426 10.23 13.69 -14.04
C GLU A 426 9.20 14.30 -13.08
N LEU A 427 8.80 13.50 -12.10
CA LEU A 427 7.78 13.93 -11.14
C LEU A 427 8.39 14.51 -9.87
N PHE A 428 7.94 15.69 -9.48
CA PHE A 428 8.41 16.34 -8.27
C PHE A 428 7.23 16.53 -7.32
N ILE A 429 7.36 16.00 -6.11
CA ILE A 429 6.29 16.15 -5.12
C ILE A 429 6.53 17.44 -4.37
N VAL A 430 5.48 18.25 -4.22
CA VAL A 430 5.60 19.53 -3.53
C VAL A 430 4.88 19.59 -2.18
N ASP A 431 3.70 19.00 -2.09
CA ASP A 431 2.95 19.04 -0.84
C ASP A 431 1.99 17.86 -0.68
N ARG A 432 2.03 17.23 0.48
CA ARG A 432 1.16 16.11 0.79
C ARG A 432 0.08 16.56 1.76
N LEU A 433 -1.05 15.85 1.78
CA LEU A 433 -2.16 16.18 2.67
C LEU A 433 -2.57 17.66 2.59
N LYS A 434 -2.73 18.18 1.38
CA LYS A 434 -3.12 19.59 1.24
C LYS A 434 -4.57 19.81 1.65
N GLU A 435 -5.40 18.77 1.47
CA GLU A 435 -6.81 18.85 1.80
C GLU A 435 -7.10 19.07 3.29
N LEU A 436 -6.14 18.71 4.13
CA LEU A 436 -6.29 18.84 5.58
C LEU A 436 -6.53 20.27 6.09
N ILE A 437 -7.39 20.38 7.10
CA ILE A 437 -7.74 21.65 7.70
C ILE A 437 -6.96 21.86 9.00
N LYS A 438 -6.18 22.94 9.05
CA LYS A 438 -5.34 23.27 10.20
C LYS A 438 -6.10 23.98 11.32
N TYR A 439 -6.54 23.22 12.31
CA TYR A 439 -7.29 23.76 13.44
C TYR A 439 -6.55 23.63 14.77
N LYS A 440 -6.01 24.73 15.29
CA LYS A 440 -5.31 24.70 16.58
C LYS A 440 -4.27 23.59 16.76
N GLY A 441 -3.42 23.37 15.76
CA GLY A 441 -2.43 22.33 15.91
C GLY A 441 -2.99 20.97 15.54
N PHE A 442 -4.29 20.92 15.26
CA PHE A 442 -4.95 19.69 14.84
C PHE A 442 -5.11 19.68 13.33
N GLN A 443 -5.20 18.48 12.76
CA GLN A 443 -5.38 18.29 11.32
C GLN A 443 -6.68 17.53 11.14
N VAL A 444 -7.65 18.16 10.47
CA VAL A 444 -8.94 17.55 10.25
C VAL A 444 -9.11 17.16 8.79
N ALA A 445 -9.50 15.91 8.55
CA ALA A 445 -9.70 15.42 7.20
C ALA A 445 -11.12 15.70 6.72
N PRO A 446 -11.26 16.41 5.60
CA PRO A 446 -12.61 16.73 5.08
C PRO A 446 -13.43 15.49 4.68
N ALA A 447 -12.81 14.50 4.05
CA ALA A 447 -13.53 13.31 3.64
C ALA A 447 -14.23 12.62 4.82
N GLU A 448 -13.59 12.62 5.99
CA GLU A 448 -14.18 11.98 7.17
C GLU A 448 -15.49 12.65 7.52
N LEU A 449 -15.51 13.98 7.45
CA LEU A 449 -16.70 14.75 7.79
C LEU A 449 -17.77 14.73 6.70
N GLU A 450 -17.33 14.65 5.45
CA GLU A 450 -18.27 14.63 4.34
C GLU A 450 -19.08 13.33 4.35
N ALA A 451 -18.46 12.24 4.80
CA ALA A 451 -19.15 10.95 4.84
C ALA A 451 -20.28 10.98 5.88
N LEU A 452 -19.98 11.52 7.07
CA LEU A 452 -20.98 11.64 8.12
C LEU A 452 -22.10 12.60 7.68
N LEU A 453 -21.69 13.68 7.02
CA LEU A 453 -22.60 14.70 6.53
C LEU A 453 -23.64 14.13 5.55
N ILE A 454 -23.16 13.50 4.49
CA ILE A 454 -24.02 12.92 3.46
C ILE A 454 -24.86 11.75 4.00
N ALA A 455 -24.46 11.19 5.14
CA ALA A 455 -25.19 10.08 5.75
C ALA A 455 -26.54 10.57 6.26
N HIS A 456 -26.65 11.88 6.47
CA HIS A 456 -27.89 12.47 6.94
C HIS A 456 -28.96 12.31 5.85
N PRO A 457 -30.16 11.82 6.21
CA PRO A 457 -31.25 11.63 5.24
C PRO A 457 -31.74 12.86 4.46
N GLU A 458 -31.48 14.05 4.99
CA GLU A 458 -31.93 15.27 4.31
C GLU A 458 -30.76 15.97 3.59
N ILE A 459 -29.64 15.27 3.51
CA ILE A 459 -28.45 15.80 2.86
C ILE A 459 -28.06 14.85 1.72
N SER A 460 -27.90 15.40 0.52
CA SER A 460 -27.54 14.59 -0.64
C SER A 460 -26.07 14.76 -1.04
N ASP A 461 -25.47 15.90 -0.70
CA ASP A 461 -24.07 16.12 -1.02
C ASP A 461 -23.48 17.11 -0.04
N ALA A 462 -22.15 17.10 0.07
CA ALA A 462 -21.46 17.99 0.98
C ALA A 462 -19.99 18.09 0.61
N ALA A 463 -19.35 19.12 1.11
CA ALA A 463 -17.92 19.36 0.88
C ALA A 463 -17.46 20.19 2.07
N VAL A 464 -16.44 19.76 2.78
CA VAL A 464 -15.99 20.58 3.89
C VAL A 464 -14.61 21.15 3.58
N VAL A 465 -14.40 22.40 4.00
CA VAL A 465 -13.16 23.10 3.77
C VAL A 465 -12.79 23.93 4.98
N GLY A 466 -11.61 24.52 4.95
CA GLY A 466 -11.18 25.33 6.08
C GLY A 466 -11.40 26.82 5.87
N LEU A 467 -12.04 27.44 6.85
CA LEU A 467 -12.31 28.87 6.84
C LEU A 467 -11.30 29.50 7.81
N LYS A 468 -10.55 30.50 7.36
CA LYS A 468 -9.56 31.13 8.23
C LYS A 468 -10.22 31.72 9.47
N ASP A 469 -9.60 31.49 10.63
CA ASP A 469 -10.14 31.99 11.89
C ASP A 469 -9.02 32.74 12.59
N GLU A 470 -9.36 33.74 13.40
CA GLU A 470 -8.35 34.52 14.11
C GLU A 470 -7.53 33.66 15.08
N ASP A 471 -8.21 32.92 15.94
CA ASP A 471 -7.56 32.05 16.91
C ASP A 471 -7.07 30.74 16.30
N ALA A 472 -8.02 29.85 16.03
CA ALA A 472 -7.74 28.53 15.49
C ALA A 472 -6.96 28.40 14.18
N GLY A 473 -6.82 29.50 13.43
CA GLY A 473 -6.11 29.42 12.16
C GLY A 473 -7.11 29.12 11.07
N GLU A 474 -7.79 27.99 11.20
CA GLU A 474 -8.82 27.57 10.26
C GLU A 474 -9.81 26.74 11.08
N VAL A 475 -11.09 26.82 10.74
CA VAL A 475 -12.10 26.03 11.42
C VAL A 475 -12.81 25.23 10.33
N PRO A 476 -13.15 23.96 10.61
CA PRO A 476 -13.83 23.15 9.60
C PRO A 476 -15.21 23.73 9.33
N VAL A 477 -15.51 23.90 8.04
CA VAL A 477 -16.78 24.43 7.59
C VAL A 477 -17.33 23.48 6.53
N ALA A 478 -18.66 23.45 6.38
CA ALA A 478 -19.25 22.55 5.41
C ALA A 478 -20.32 23.13 4.49
N PHE A 479 -20.16 22.88 3.21
CA PHE A 479 -21.16 23.30 2.22
C PHE A 479 -22.10 22.12 2.10
N VAL A 480 -23.38 22.36 2.34
CA VAL A 480 -24.34 21.29 2.31
C VAL A 480 -25.48 21.50 1.34
N VAL A 481 -25.79 20.47 0.58
CA VAL A 481 -26.89 20.51 -0.36
C VAL A 481 -27.98 19.64 0.27
N LYS A 482 -28.94 20.27 0.92
CA LYS A 482 -30.02 19.52 1.55
C LYS A 482 -31.10 19.27 0.51
N SER A 483 -31.88 18.21 0.74
CA SER A 483 -32.95 17.83 -0.17
C SER A 483 -34.00 18.92 -0.25
N GLU A 484 -34.68 19.01 -1.39
CA GLU A 484 -35.73 20.00 -1.52
C GLU A 484 -36.79 19.53 -0.52
N LYS A 485 -37.46 20.48 0.13
CA LYS A 485 -38.48 20.22 1.13
C LYS A 485 -37.84 20.25 2.52
N SER A 486 -36.56 19.89 2.60
CA SER A 486 -35.87 19.88 3.87
C SER A 486 -35.87 21.28 4.48
N GLN A 487 -36.09 21.33 5.79
CA GLN A 487 -36.10 22.59 6.53
C GLN A 487 -35.05 22.58 7.63
N ALA A 488 -34.17 21.57 7.59
CA ALA A 488 -33.11 21.42 8.58
C ALA A 488 -32.25 22.67 8.68
N THR A 489 -32.03 23.14 9.90
CA THR A 489 -31.23 24.34 10.13
C THR A 489 -29.76 24.03 10.33
N GLU A 490 -28.94 25.07 10.22
CA GLU A 490 -27.51 24.95 10.37
C GLU A 490 -27.12 24.39 11.73
N ASP A 491 -27.81 24.82 12.77
CA ASP A 491 -27.51 24.35 14.11
C ASP A 491 -27.79 22.85 14.27
N GLU A 492 -28.87 22.36 13.69
CA GLU A 492 -29.20 20.95 13.79
C GLU A 492 -28.15 20.12 13.08
N ILE A 493 -27.66 20.62 11.95
CA ILE A 493 -26.64 19.90 11.20
C ILE A 493 -25.37 19.85 12.03
N LYS A 494 -24.99 20.98 12.61
CA LYS A 494 -23.77 21.02 13.42
C LYS A 494 -23.86 20.13 14.66
N GLN A 495 -25.05 20.05 15.26
CA GLN A 495 -25.22 19.20 16.44
C GLN A 495 -25.16 17.75 15.98
N TYR A 496 -25.78 17.48 14.83
CA TYR A 496 -25.78 16.13 14.28
C TYR A 496 -24.35 15.59 14.13
N ILE A 497 -23.48 16.40 13.54
CA ILE A 497 -22.08 16.02 13.35
C ILE A 497 -21.34 16.05 14.69
N SER A 498 -21.64 17.07 15.48
CA SER A 498 -21.01 17.24 16.78
C SER A 498 -21.03 15.99 17.66
N LYS A 499 -22.15 15.30 17.73
CA LYS A 499 -22.23 14.11 18.58
C LYS A 499 -21.55 12.88 17.98
N GLN A 500 -20.97 13.01 16.79
CA GLN A 500 -20.31 11.87 16.15
C GLN A 500 -18.80 11.95 16.06
N VAL A 501 -18.21 13.05 16.52
CA VAL A 501 -16.75 13.19 16.46
C VAL A 501 -16.18 14.02 17.60
N ILE A 502 -14.88 13.85 17.83
CA ILE A 502 -14.20 14.58 18.87
C ILE A 502 -14.31 16.08 18.55
N PHE A 503 -14.28 16.91 19.59
CA PHE A 503 -14.43 18.36 19.44
C PHE A 503 -13.67 19.10 18.33
N TYR A 504 -12.39 18.79 18.12
CA TYR A 504 -11.66 19.53 17.09
C TYR A 504 -12.01 19.22 15.64
N LYS A 505 -12.66 18.09 15.40
CA LYS A 505 -13.05 17.71 14.04
C LYS A 505 -14.39 18.34 13.66
N ARG A 506 -15.05 18.97 14.63
CA ARG A 506 -16.36 19.54 14.41
C ARG A 506 -16.55 20.71 13.44
N ILE A 507 -17.68 20.65 12.74
CA ILE A 507 -18.09 21.67 11.78
C ILE A 507 -18.55 22.87 12.61
N LYS A 508 -18.02 24.05 12.32
CA LYS A 508 -18.42 25.24 13.07
C LYS A 508 -19.35 26.14 12.28
N ARG A 509 -19.56 25.79 11.01
CA ARG A 509 -20.42 26.56 10.12
C ARG A 509 -20.96 25.69 9.00
N VAL A 510 -22.22 25.93 8.66
CA VAL A 510 -22.86 25.20 7.57
C VAL A 510 -23.32 26.22 6.53
N PHE A 511 -23.04 25.96 5.27
CA PHE A 511 -23.45 26.86 4.20
C PHE A 511 -24.22 26.05 3.17
N PHE A 512 -25.54 26.21 3.20
CA PHE A 512 -26.40 25.49 2.27
C PHE A 512 -26.30 26.10 0.89
N ILE A 513 -26.20 25.26 -0.14
CA ILE A 513 -26.13 25.75 -1.51
C ILE A 513 -26.83 24.78 -2.44
N GLU A 514 -27.07 25.20 -3.67
CA GLU A 514 -27.75 24.39 -4.67
C GLU A 514 -26.98 23.14 -5.07
N ALA A 515 -25.69 23.29 -5.33
CA ALA A 515 -24.87 22.15 -5.74
C ALA A 515 -23.38 22.32 -5.40
N ILE A 516 -22.71 21.20 -5.18
CA ILE A 516 -21.29 21.21 -4.88
C ILE A 516 -20.51 21.32 -6.20
N PRO A 517 -19.60 22.33 -6.31
CA PRO A 517 -18.78 22.54 -7.51
C PRO A 517 -18.05 21.26 -7.87
N LYS A 518 -18.17 20.82 -9.11
CA LYS A 518 -17.52 19.59 -9.54
C LYS A 518 -16.98 19.66 -10.96
N ALA A 519 -15.89 18.94 -11.21
CA ALA A 519 -15.29 18.90 -12.53
C ALA A 519 -16.07 17.86 -13.33
N PRO A 520 -15.98 17.90 -14.67
CA PRO A 520 -16.70 16.95 -15.53
C PRO A 520 -16.47 15.53 -15.05
N SER A 521 -15.31 15.33 -14.44
CA SER A 521 -14.91 14.04 -13.92
C SER A 521 -15.87 13.61 -12.81
N GLY A 522 -16.08 14.50 -11.85
CA GLY A 522 -16.96 14.19 -10.73
C GLY A 522 -16.24 14.65 -9.48
N LYS A 523 -14.93 14.83 -9.60
CA LYS A 523 -14.11 15.30 -8.51
C LYS A 523 -14.75 16.55 -7.93
N ILE A 524 -15.07 16.51 -6.64
CA ILE A 524 -15.64 17.70 -6.02
C ILE A 524 -14.45 18.65 -5.90
N LEU A 525 -14.67 19.92 -6.20
CA LEU A 525 -13.61 20.91 -6.14
C LEU A 525 -13.61 21.67 -4.82
N ARG A 526 -13.06 21.05 -3.78
CA ARG A 526 -12.99 21.67 -2.46
C ARG A 526 -12.25 22.99 -2.50
N LYS A 527 -11.11 23.00 -3.19
CA LYS A 527 -10.26 24.19 -3.31
C LYS A 527 -11.06 25.37 -3.84
N ASN A 528 -12.02 25.08 -4.71
CA ASN A 528 -12.87 26.10 -5.31
C ASN A 528 -13.74 26.77 -4.25
N LEU A 529 -14.34 25.95 -3.39
CA LEU A 529 -15.20 26.45 -2.31
C LEU A 529 -14.35 27.20 -1.27
N LYS A 530 -13.15 26.70 -1.03
CA LYS A 530 -12.27 27.34 -0.06
C LYS A 530 -12.03 28.78 -0.52
N GLU A 531 -11.75 28.96 -1.81
CA GLU A 531 -11.49 30.28 -2.36
C GLU A 531 -12.74 31.18 -2.32
N LYS A 532 -13.90 30.56 -2.44
CA LYS A 532 -15.18 31.27 -2.42
C LYS A 532 -15.36 32.00 -1.08
N LEU A 533 -14.88 31.39 0.00
CA LEU A 533 -15.00 31.95 1.34
C LEU A 533 -13.82 32.78 1.80
N ALA A 534 -12.80 32.91 0.96
CA ALA A 534 -11.62 33.68 1.34
C ALA A 534 -12.03 35.07 1.81
N GLY A 535 -13.12 35.57 1.24
CA GLY A 535 -13.61 36.88 1.62
C GLY A 535 -14.04 36.92 3.07
N ILE A 536 -14.97 36.04 3.43
CA ILE A 536 -15.50 35.99 4.79
C ILE A 536 -14.41 36.17 5.84
#